data_6XK8
#
_entry.id   6XK8
#
_cell.length_a   80.599
_cell.length_b   94.499
_cell.length_c   61.929
_cell.angle_alpha   90.000
_cell.angle_beta   90.000
_cell.angle_gamma   90.000
#
_symmetry.space_group_name_H-M   'P 21 21 2'
#
loop_
_entity.id
_entity.type
_entity.pdbx_description
1 polymer 'Nitric oxide synthase oxygenase'
2 non-polymer 'PROTOPORPHYRIN IX CONTAINING FE'
3 non-polymer 7-{[3-({[(6-aminopyridin-2-yl)methyl]amino}methyl)phenoxy]methyl}quinolin-2-amine
4 non-polymer 'CHLORIDE ION'
5 non-polymer GLYCEROL
6 non-polymer DI(HYDROXYETHYL)ETHER
7 non-polymer N-PROPANOL
8 water water
#
_entity_poly.entity_id   1
_entity_poly.type   'polypeptide(L)'
_entity_poly.pdbx_seq_one_letter_code
;MEEKEILWNEAKAFIAACYQELGKAAEVKDRLADIKSEIDLTGSYVHTKEELEHGAKMAWRNSNRCIGRLFWNSLNVIDR
RDVRTKEEVRDALFHHIETATNNGKIRPTITIFPPEEKGEKQVEIWNHQLIRYAGYESDGERIGDPASCSLTAACEELGW
RGERTDFDLLPLIFRMKGDEQPVWYELPRSLVIEVPITHPDIEAFSDLELKWYGVPIISDMKLEVGGIHYNAAPFNGWYM
GTEIGARNLADEKRYDKLKKVASVIGIAADYNTDLWKDQALVELNKAVLHSYKKQGVSIVDHHTAASQFKRFEEQAEEAG
RKLTGDWTWLIPPISPAATHIFHRSYDNSIVKPNYFYQDKPYE
;
_entity_poly.pdbx_strand_id   A
#
loop_
_chem_comp.id
_chem_comp.type
_chem_comp.name
_chem_comp.formula
CL non-polymer 'CHLORIDE ION' 'Cl -1'
GOL non-polymer GLYCEROL 'C3 H8 O3'
HEM non-polymer 'PROTOPORPHYRIN IX CONTAINING FE' 'C34 H32 Fe N4 O4'
PEG non-polymer DI(HYDROXYETHYL)ETHER 'C4 H10 O3'
POL non-polymer N-PROPANOL 'C3 H8 O'
V54 non-polymer 7-{[3-({[(6-aminopyridin-2-yl)methyl]amino}methyl)phenoxy]methyl}quinolin-2-amine 'C23 H23 N5 O'
#
# COMPACT_ATOMS: atom_id res chain seq x y z
N GLU A 2 -4.85 18.04 -28.48
CA GLU A 2 -5.12 16.62 -28.65
C GLU A 2 -4.87 15.85 -27.37
N GLU A 3 -4.51 16.58 -26.31
CA GLU A 3 -4.47 15.97 -24.98
C GLU A 3 -5.80 15.30 -24.69
N LYS A 4 -6.89 15.90 -25.18
CA LYS A 4 -8.21 15.32 -25.11
C LYS A 4 -8.25 13.92 -25.73
N GLU A 5 -7.41 13.66 -26.73
CA GLU A 5 -7.53 12.41 -27.49
C GLU A 5 -7.05 11.20 -26.69
N ILE A 6 -5.91 11.31 -25.99
CA ILE A 6 -5.54 10.32 -24.98
C ILE A 6 -6.75 9.89 -24.15
N LEU A 7 -7.48 10.87 -23.63
CA LEU A 7 -8.57 10.58 -22.71
C LEU A 7 -9.72 9.85 -23.39
N TRP A 8 -10.05 10.23 -24.63
CA TRP A 8 -11.09 9.52 -25.36
C TRP A 8 -10.65 8.08 -25.67
N ASN A 9 -9.37 7.89 -25.99
CA ASN A 9 -8.87 6.55 -26.30
C ASN A 9 -8.91 5.65 -25.08
N GLU A 10 -8.45 6.15 -23.93
CA GLU A 10 -8.43 5.34 -22.72
C GLU A 10 -9.84 5.04 -22.26
N ALA A 11 -10.76 6.00 -22.40
CA ALA A 11 -12.14 5.77 -21.99
C ALA A 11 -12.79 4.68 -22.82
N LYS A 12 -12.50 4.66 -24.13
CA LYS A 12 -13.03 3.60 -25.00
C LYS A 12 -12.55 2.23 -24.52
N ALA A 13 -11.25 2.10 -24.27
CA ALA A 13 -10.71 0.82 -23.85
C ALA A 13 -11.25 0.41 -22.48
N PHE A 14 -11.31 1.35 -21.53
CA PHE A 14 -11.72 0.99 -20.19
C PHE A 14 -13.20 0.64 -20.13
N ILE A 15 -14.07 1.48 -20.73
CA ILE A 15 -15.50 1.24 -20.63
C ILE A 15 -15.89 -0.07 -21.30
N ALA A 16 -15.30 -0.36 -22.46
CA ALA A 16 -15.58 -1.62 -23.15
C ALA A 16 -15.23 -2.82 -22.29
N ALA A 17 -14.01 -2.84 -21.74
CA ALA A 17 -13.60 -3.97 -20.92
C ALA A 17 -14.39 -4.02 -19.62
N CYS A 18 -14.66 -2.86 -19.02
CA CYS A 18 -15.34 -2.84 -17.73
C CYS A 18 -16.79 -3.30 -17.85
N TYR A 19 -17.50 -2.82 -18.88
CA TYR A 19 -18.90 -3.22 -19.03
C TYR A 19 -19.01 -4.68 -19.45
N GLN A 20 -18.00 -5.19 -20.15
CA GLN A 20 -17.98 -6.61 -20.53
C GLN A 20 -17.92 -7.50 -19.29
N GLU A 21 -17.03 -7.17 -18.35
CA GLU A 21 -16.90 -8.00 -17.16
C GLU A 21 -18.13 -7.91 -16.27
N LEU A 22 -18.82 -6.78 -16.30
CA LEU A 22 -20.03 -6.60 -15.50
C LEU A 22 -21.29 -7.07 -16.20
N GLY A 23 -21.17 -7.73 -17.36
CA GLY A 23 -22.35 -8.17 -18.08
C GLY A 23 -23.24 -7.03 -18.55
N LYS A 24 -22.65 -5.87 -18.77
CA LYS A 24 -23.38 -4.67 -19.20
C LYS A 24 -22.99 -4.29 -20.62
N ALA A 25 -22.57 -5.27 -21.42
CA ALA A 25 -21.98 -4.96 -22.72
C ALA A 25 -22.95 -4.23 -23.63
N ALA A 26 -24.26 -4.42 -23.44
CA ALA A 26 -25.21 -3.72 -24.29
C ALA A 26 -25.20 -2.22 -24.04
N GLU A 27 -24.85 -1.80 -22.83
CA GLU A 27 -24.88 -0.40 -22.45
C GLU A 27 -23.64 0.37 -22.84
N VAL A 28 -22.60 -0.31 -23.35
CA VAL A 28 -21.32 0.36 -23.60
C VAL A 28 -21.50 1.49 -24.60
N LYS A 29 -22.38 1.28 -25.58
CA LYS A 29 -22.41 2.17 -26.73
C LYS A 29 -23.11 3.47 -26.40
N ASP A 30 -24.20 3.41 -25.64
CA ASP A 30 -24.84 4.63 -25.15
C ASP A 30 -23.94 5.40 -24.19
N ARG A 31 -23.28 4.68 -23.27
CA ARG A 31 -22.42 5.32 -22.29
C ARG A 31 -21.23 6.00 -22.96
N LEU A 32 -20.68 5.39 -24.02
CA LEU A 32 -19.55 6.01 -24.71
C LEU A 32 -19.95 7.31 -25.41
N ALA A 33 -21.17 7.35 -25.95
CA ALA A 33 -21.63 8.56 -26.62
C ALA A 33 -21.74 9.71 -25.63
N ASP A 34 -22.39 9.47 -24.49
CA ASP A 34 -22.46 10.48 -23.44
C ASP A 34 -21.07 10.89 -22.97
N ILE A 35 -20.16 9.91 -22.85
CA ILE A 35 -18.78 10.23 -22.51
C ILE A 35 -18.15 11.11 -23.58
N LYS A 36 -18.31 10.73 -24.85
CA LYS A 36 -17.70 11.50 -25.93
C LYS A 36 -18.20 12.94 -25.97
N SER A 37 -19.50 13.14 -25.72
CA SER A 37 -20.01 14.50 -25.62
C SER A 37 -19.38 15.21 -24.43
N GLU A 38 -19.25 14.50 -23.31
CA GLU A 38 -18.82 15.13 -22.06
C GLU A 38 -17.40 15.68 -22.15
N ILE A 39 -16.48 14.94 -22.78
CA ILE A 39 -15.12 15.44 -22.86
C ILE A 39 -15.02 16.60 -23.87
N ASP A 40 -15.75 16.50 -24.99
CA ASP A 40 -15.78 17.60 -25.94
C ASP A 40 -16.17 18.91 -25.25
N LEU A 41 -17.19 18.85 -24.40
CA LEU A 41 -17.69 20.06 -23.76
C LEU A 41 -16.80 20.48 -22.59
N THR A 42 -16.56 19.57 -21.64
CA THR A 42 -15.93 19.93 -20.37
C THR A 42 -14.45 19.59 -20.30
N GLY A 43 -13.93 18.76 -21.21
CA GLY A 43 -12.54 18.36 -21.17
C GLY A 43 -12.25 17.10 -20.40
N SER A 44 -13.23 16.56 -19.67
CA SER A 44 -13.05 15.34 -18.89
C SER A 44 -14.42 14.68 -18.75
N TYR A 45 -14.45 13.58 -18.00
CA TYR A 45 -15.71 12.89 -17.73
C TYR A 45 -15.64 12.30 -16.33
N VAL A 46 -16.80 11.93 -15.81
CA VAL A 46 -16.95 11.48 -14.42
C VAL A 46 -17.39 10.03 -14.44
N HIS A 47 -16.69 9.20 -13.67
CA HIS A 47 -17.04 7.79 -13.58
C HIS A 47 -18.28 7.60 -12.72
N THR A 48 -19.10 6.62 -13.07
CA THR A 48 -20.15 6.20 -12.17
C THR A 48 -19.53 5.44 -10.99
N LYS A 49 -20.28 5.33 -9.89
CA LYS A 49 -19.80 4.55 -8.76
C LYS A 49 -19.43 3.14 -9.19
N GLU A 50 -20.21 2.59 -10.11
CA GLU A 50 -19.96 1.23 -10.60
C GLU A 50 -18.66 1.16 -11.37
N GLU A 51 -18.41 2.13 -12.26
CA GLU A 51 -17.17 2.13 -13.01
C GLU A 51 -15.97 2.35 -12.10
N LEU A 52 -16.10 3.28 -11.15
CA LEU A 52 -15.02 3.57 -10.22
C LEU A 52 -14.70 2.37 -9.35
N GLU A 53 -15.72 1.72 -8.80
CA GLU A 53 -15.48 0.54 -7.98
C GLU A 53 -14.78 -0.55 -8.79
N HIS A 54 -15.34 -0.93 -9.94
CA HIS A 54 -14.71 -1.99 -10.72
C HIS A 54 -13.33 -1.57 -11.24
N GLY A 55 -13.15 -0.30 -11.58
CA GLY A 55 -11.85 0.13 -12.09
C GLY A 55 -10.76 0.02 -11.03
N ALA A 56 -11.10 0.32 -9.77
CA ALA A 56 -10.14 0.17 -8.70
C ALA A 56 -9.78 -1.30 -8.51
N LYS A 57 -10.75 -2.19 -8.65
CA LYS A 57 -10.49 -3.62 -8.56
C LYS A 57 -9.63 -4.10 -9.71
N MET A 58 -9.93 -3.64 -10.93
CA MET A 58 -9.09 -3.99 -12.08
C MET A 58 -7.65 -3.54 -11.85
N ALA A 59 -7.47 -2.32 -11.33
CA ALA A 59 -6.13 -1.82 -11.08
C ALA A 59 -5.37 -2.73 -10.14
N TRP A 60 -6.03 -3.22 -9.10
CA TRP A 60 -5.39 -4.17 -8.19
C TRP A 60 -5.06 -5.48 -8.92
N ARG A 61 -6.02 -5.98 -9.71
CA ARG A 61 -5.81 -7.22 -10.45
C ARG A 61 -4.64 -7.11 -11.42
N ASN A 62 -4.32 -5.89 -11.88
CA ASN A 62 -3.27 -5.67 -12.86
C ASN A 62 -1.93 -5.33 -12.24
N SER A 63 -1.82 -5.28 -10.92
CA SER A 63 -0.57 -4.85 -10.28
C SER A 63 0.41 -6.02 -10.34
N ASN A 64 1.36 -5.93 -11.28
CA ASN A 64 2.27 -7.04 -11.56
C ASN A 64 3.05 -7.48 -10.33
N ARG A 65 3.33 -6.54 -9.41
CA ARG A 65 4.20 -6.82 -8.28
C ARG A 65 3.47 -7.38 -7.06
N CYS A 66 2.15 -7.48 -7.11
CA CYS A 66 1.35 -7.82 -5.93
C CYS A 66 1.06 -9.32 -5.90
N ILE A 67 1.47 -9.97 -4.79
CA ILE A 67 1.20 -11.37 -4.58
C ILE A 67 -0.19 -11.63 -4.00
N GLY A 68 -0.90 -10.59 -3.54
CA GLY A 68 -2.17 -10.80 -2.86
C GLY A 68 -3.39 -10.59 -3.74
N ARG A 69 -3.18 -10.64 -5.06
CA ARG A 69 -4.23 -10.30 -6.00
C ARG A 69 -5.39 -11.29 -6.04
N LEU A 70 -5.32 -12.43 -5.34
CA LEU A 70 -6.44 -13.36 -5.37
C LEU A 70 -7.74 -12.66 -4.99
N PHE A 71 -7.65 -11.70 -4.06
CA PHE A 71 -8.83 -11.10 -3.44
C PHE A 71 -9.23 -9.78 -4.09
N TRP A 72 -8.77 -9.53 -5.33
CA TRP A 72 -9.00 -8.24 -5.98
C TRP A 72 -10.48 -7.85 -6.01
N ASN A 73 -11.37 -8.83 -6.20
CA ASN A 73 -12.79 -8.51 -6.41
C ASN A 73 -13.51 -8.12 -5.12
N SER A 74 -12.93 -8.41 -3.95
CA SER A 74 -13.56 -8.05 -2.69
C SER A 74 -13.02 -6.74 -2.11
N LEU A 75 -12.30 -5.94 -2.92
CA LEU A 75 -11.81 -4.65 -2.47
C LEU A 75 -12.98 -3.75 -2.07
N ASN A 76 -12.87 -3.09 -0.91
CA ASN A 76 -13.92 -2.20 -0.40
C ASN A 76 -13.60 -0.78 -0.86
N VAL A 77 -14.37 -0.27 -1.80
CA VAL A 77 -14.08 1.02 -2.45
C VAL A 77 -14.94 2.08 -1.79
N ILE A 78 -14.30 3.08 -1.19
CA ILE A 78 -14.99 4.22 -0.59
C ILE A 78 -14.85 5.40 -1.55
N ASP A 79 -15.98 5.92 -2.01
CA ASP A 79 -16.02 6.99 -3.01
C ASP A 79 -16.11 8.33 -2.28
N ARG A 80 -14.99 9.05 -2.20
CA ARG A 80 -14.93 10.36 -1.58
C ARG A 80 -14.54 11.44 -2.58
N ARG A 81 -15.09 11.37 -3.79
CA ARG A 81 -14.87 12.42 -4.77
C ARG A 81 -15.64 13.70 -4.46
N ASP A 82 -16.44 13.70 -3.38
CA ASP A 82 -17.25 14.82 -2.98
C ASP A 82 -16.54 15.76 -2.01
N VAL A 83 -15.33 15.40 -1.57
CA VAL A 83 -14.62 16.18 -0.56
C VAL A 83 -14.11 17.48 -1.17
N ARG A 84 -14.24 18.57 -0.42
CA ARG A 84 -13.74 19.87 -0.88
C ARG A 84 -12.85 20.57 0.13
N THR A 85 -12.88 20.18 1.41
CA THR A 85 -12.15 20.87 2.47
C THR A 85 -11.12 19.96 3.14
N LYS A 86 -10.21 20.61 3.86
CA LYS A 86 -9.18 19.89 4.62
C LYS A 86 -9.78 18.99 5.69
N GLU A 87 -10.81 19.48 6.39
CA GLU A 87 -11.41 18.69 7.46
C GLU A 87 -12.08 17.44 6.89
N GLU A 88 -12.63 17.55 5.67
CA GLU A 88 -13.25 16.38 5.06
C GLU A 88 -12.20 15.39 4.58
N VAL A 89 -11.09 15.89 4.02
CA VAL A 89 -9.98 15.01 3.68
C VAL A 89 -9.48 14.29 4.93
N ARG A 90 -9.22 15.05 5.99
CA ARG A 90 -8.69 14.49 7.23
C ARG A 90 -9.63 13.44 7.81
N ASP A 91 -10.91 13.78 7.90
CA ASP A 91 -11.87 12.84 8.47
C ASP A 91 -12.07 11.61 7.58
N ALA A 92 -11.94 11.76 6.26
CA ALA A 92 -12.05 10.59 5.39
C ALA A 92 -10.84 9.68 5.57
N LEU A 93 -9.66 10.27 5.79
CA LEU A 93 -8.47 9.48 6.09
C LEU A 93 -8.59 8.78 7.44
N PHE A 94 -9.04 9.50 8.47
CA PHE A 94 -9.36 8.89 9.75
C PHE A 94 -10.32 7.74 9.58
N HIS A 95 -11.38 7.95 8.80
CA HIS A 95 -12.38 6.92 8.62
C HIS A 95 -11.79 5.70 7.91
N HIS A 96 -10.95 5.94 6.89
CA HIS A 96 -10.29 4.83 6.20
C HIS A 96 -9.52 3.96 7.19
N ILE A 97 -8.71 4.59 8.04
CA ILE A 97 -7.94 3.84 9.03
C ILE A 97 -8.87 3.00 9.88
N GLU A 98 -9.95 3.61 10.37
CA GLU A 98 -10.86 2.92 11.29
C GLU A 98 -11.56 1.76 10.60
N THR A 99 -12.08 1.97 9.39
CA THR A 99 -12.84 0.91 8.74
C THR A 99 -11.93 -0.15 8.13
N ALA A 100 -10.79 0.23 7.58
CA ALA A 100 -9.83 -0.78 7.11
C ALA A 100 -9.31 -1.61 8.28
N THR A 101 -9.07 -0.98 9.44
CA THR A 101 -8.55 -1.70 10.60
C THR A 101 -9.55 -2.75 11.07
N ASN A 102 -10.80 -2.35 11.27
CA ASN A 102 -11.90 -3.26 11.56
C ASN A 102 -11.58 -4.11 12.78
N ASN A 103 -11.06 -3.45 13.82
CA ASN A 103 -10.67 -4.08 15.08
C ASN A 103 -9.65 -5.19 14.90
N GLY A 104 -8.89 -5.19 13.80
CA GLY A 104 -7.85 -6.18 13.54
C GLY A 104 -8.14 -7.10 12.37
N LYS A 105 -9.41 -7.28 12.01
CA LYS A 105 -9.72 -8.06 10.81
C LYS A 105 -9.74 -7.12 9.62
N ILE A 106 -8.54 -6.88 9.08
CA ILE A 106 -8.32 -5.84 8.08
C ILE A 106 -9.20 -6.11 6.86
N ARG A 107 -9.92 -5.06 6.44
CA ARG A 107 -10.63 -5.10 5.19
C ARG A 107 -9.83 -4.37 4.13
N PRO A 108 -9.42 -5.03 3.05
CA PRO A 108 -8.79 -4.30 1.95
C PRO A 108 -9.72 -3.19 1.48
N THR A 109 -9.24 -1.94 1.56
CA THR A 109 -10.06 -0.76 1.36
C THR A 109 -9.26 0.25 0.55
N ILE A 110 -9.95 1.00 -0.32
CA ILE A 110 -9.36 2.17 -0.97
C ILE A 110 -10.33 3.35 -0.84
N THR A 111 -9.81 4.49 -0.43
CA THR A 111 -10.58 5.73 -0.42
C THR A 111 -10.13 6.56 -1.62
N ILE A 112 -11.09 6.98 -2.46
CA ILE A 112 -10.78 7.66 -3.71
C ILE A 112 -11.22 9.12 -3.61
N PHE A 113 -10.26 10.03 -3.71
CA PHE A 113 -10.47 11.47 -3.65
C PHE A 113 -10.63 12.03 -5.07
N PRO A 114 -11.01 13.30 -5.20
CA PRO A 114 -11.18 13.90 -6.54
C PRO A 114 -9.93 13.72 -7.39
N PRO A 115 -10.09 13.42 -8.68
CA PRO A 115 -8.92 13.22 -9.55
C PRO A 115 -8.30 14.54 -9.98
N GLU A 116 -7.15 14.44 -10.64
CA GLU A 116 -6.57 15.59 -11.31
C GLU A 116 -7.54 16.13 -12.35
N GLU A 117 -7.66 17.46 -12.40
CA GLU A 117 -8.61 18.08 -13.31
C GLU A 117 -8.01 18.16 -14.72
N LYS A 118 -7.03 19.04 -14.90
CA LYS A 118 -6.25 19.11 -16.13
C LYS A 118 -4.77 19.14 -15.77
N GLY A 119 -4.33 18.05 -15.12
CA GLY A 119 -3.00 17.98 -14.53
C GLY A 119 -2.90 18.59 -13.15
N GLU A 120 -3.89 19.37 -12.73
CA GLU A 120 -3.89 20.02 -11.42
C GLU A 120 -4.48 19.08 -10.38
N LYS A 121 -3.70 18.77 -9.35
CA LYS A 121 -4.19 17.92 -8.27
C LYS A 121 -5.18 18.69 -7.42
N GLN A 122 -6.22 17.99 -6.95
CA GLN A 122 -7.15 18.62 -6.02
C GLN A 122 -6.69 18.42 -4.58
N VAL A 123 -6.20 17.23 -4.28
CA VAL A 123 -5.64 16.88 -2.98
C VAL A 123 -4.32 16.16 -3.24
N GLU A 124 -3.30 16.55 -2.51
CA GLU A 124 -1.96 16.00 -2.68
C GLU A 124 -1.51 15.45 -1.34
N ILE A 125 -1.50 14.12 -1.22
CA ILE A 125 -1.09 13.47 0.03
C ILE A 125 0.42 13.31 0.06
N TRP A 126 1.03 13.72 1.18
CA TRP A 126 2.47 13.63 1.33
C TRP A 126 2.93 12.34 2.00
N ASN A 127 2.09 11.73 2.85
CA ASN A 127 2.49 10.50 3.51
C ASN A 127 2.73 9.40 2.47
N HIS A 128 3.78 8.59 2.70
CA HIS A 128 3.94 7.37 1.90
C HIS A 128 2.94 6.30 2.35
N GLN A 129 2.78 6.13 3.66
CA GLN A 129 1.66 5.40 4.23
C GLN A 129 0.99 6.25 5.30
N LEU A 130 -0.34 6.11 5.43
CA LEU A 130 -1.09 6.89 6.41
C LEU A 130 -0.55 6.69 7.81
N ILE A 131 -0.13 5.48 8.12
CA ILE A 131 0.48 5.13 9.40
C ILE A 131 1.91 4.68 9.14
N ARG A 132 2.88 5.41 9.71
CA ARG A 132 4.27 5.01 9.58
C ARG A 132 5.11 5.84 10.57
N TYR A 133 6.30 5.35 10.93
CA TYR A 133 7.06 5.96 12.01
C TYR A 133 8.02 7.02 11.47
N ALA A 134 8.27 8.05 12.27
CA ALA A 134 9.22 9.10 11.92
C ALA A 134 10.65 8.56 11.97
N GLY A 135 11.55 9.25 11.30
CA GLY A 135 12.96 8.90 11.34
C GLY A 135 13.82 10.13 11.44
N TYR A 136 14.84 10.06 12.30
CA TYR A 136 15.72 11.18 12.56
C TYR A 136 17.16 10.74 12.41
N GLU A 137 17.99 11.63 11.90
CA GLU A 137 19.44 11.39 11.84
C GLU A 137 20.14 12.73 11.87
N SER A 138 20.78 13.03 13.00
CA SER A 138 21.69 14.16 13.11
C SER A 138 22.69 13.88 14.21
N ASP A 139 23.87 14.50 14.10
CA ASP A 139 24.92 14.34 15.10
C ASP A 139 25.27 12.87 15.29
N GLY A 140 25.29 12.13 14.18
CA GLY A 140 25.59 10.71 14.19
C GLY A 140 24.52 9.80 14.75
N GLU A 141 23.52 10.34 15.46
CA GLU A 141 22.48 9.51 16.06
C GLU A 141 21.38 9.23 15.04
N ARG A 142 21.00 7.97 14.95
CA ARG A 142 19.88 7.54 14.12
C ARG A 142 18.74 7.11 15.04
N ILE A 143 17.57 7.67 14.84
CA ILE A 143 16.41 7.35 15.66
C ILE A 143 15.24 7.06 14.74
N GLY A 144 14.45 6.03 15.08
CA GLY A 144 13.28 5.72 14.28
C GLY A 144 13.62 5.05 12.95
N ASP A 145 12.77 5.32 11.97
CA ASP A 145 12.80 4.66 10.67
C ASP A 145 13.56 5.50 9.66
N PRO A 146 14.76 5.10 9.20
CA PRO A 146 15.48 5.97 8.24
C PRO A 146 14.71 6.22 6.94
N ALA A 147 13.83 5.30 6.52
CA ALA A 147 13.04 5.54 5.31
C ALA A 147 12.18 6.80 5.40
N SER A 148 11.84 7.25 6.60
CA SER A 148 10.98 8.40 6.77
C SER A 148 11.74 9.71 7.02
N CYS A 149 13.06 9.75 6.83
CA CYS A 149 13.85 10.91 7.28
C CYS A 149 13.48 12.19 6.54
N SER A 150 13.32 12.12 5.22
CA SER A 150 13.02 13.33 4.45
C SER A 150 11.61 13.84 4.78
N LEU A 151 10.63 12.96 4.84
CA LEU A 151 9.26 13.37 5.21
C LEU A 151 9.22 13.92 6.63
N THR A 152 9.95 13.30 7.55
CA THR A 152 9.98 13.78 8.93
C THR A 152 10.58 15.18 9.00
N ALA A 153 11.70 15.39 8.28
CA ALA A 153 12.29 16.73 8.20
C ALA A 153 11.30 17.73 7.62
N ALA A 154 10.48 17.30 6.65
CA ALA A 154 9.52 18.23 6.06
C ALA A 154 8.41 18.55 7.04
N CYS A 155 7.93 17.54 7.77
CA CYS A 155 6.90 17.77 8.78
C CYS A 155 7.37 18.75 9.84
N GLU A 156 8.63 18.64 10.28
CA GLU A 156 9.14 19.53 11.30
C GLU A 156 9.42 20.95 10.77
N GLU A 157 9.47 21.15 9.45
CA GLU A 157 9.45 22.52 8.93
C GLU A 157 8.07 23.16 9.07
N LEU A 158 7.02 22.36 9.26
CA LEU A 158 5.66 22.86 9.25
C LEU A 158 5.08 23.04 10.65
N GLY A 159 5.90 22.93 11.68
CA GLY A 159 5.47 23.17 13.04
C GLY A 159 5.26 21.92 13.86
N TRP A 160 5.34 20.74 13.24
CA TRP A 160 5.27 19.48 13.96
C TRP A 160 6.63 19.15 14.58
N ARG A 161 6.58 18.46 15.72
CA ARG A 161 7.78 18.06 16.45
C ARG A 161 7.59 16.66 17.00
N GLY A 162 8.49 15.74 16.65
CA GLY A 162 8.41 14.38 17.14
C GLY A 162 9.04 14.21 18.52
N GLU A 163 8.52 13.23 19.26
CA GLU A 163 9.09 12.88 20.55
C GLU A 163 10.47 12.23 20.48
N ARG A 164 10.91 11.77 19.31
CA ARG A 164 12.22 11.13 19.15
C ARG A 164 12.30 9.76 19.82
N THR A 165 11.17 9.08 19.97
CA THR A 165 11.22 7.65 20.24
C THR A 165 11.60 6.93 18.95
N ASP A 166 11.77 5.61 19.01
CA ASP A 166 12.00 4.86 17.79
C ASP A 166 10.71 4.62 17.00
N PHE A 167 9.55 4.98 17.56
CA PHE A 167 8.26 4.69 16.96
C PHE A 167 7.31 5.89 17.09
N ASP A 168 7.81 7.09 16.75
CA ASP A 168 6.91 8.24 16.62
C ASP A 168 5.98 8.03 15.43
N LEU A 169 4.69 8.21 15.63
CA LEU A 169 3.73 8.23 14.53
C LEU A 169 3.81 9.57 13.79
N LEU A 170 4.13 9.51 12.50
CA LEU A 170 4.04 10.71 11.67
C LEU A 170 2.60 11.20 11.61
N PRO A 171 2.39 12.50 11.49
CA PRO A 171 1.02 13.00 11.30
C PRO A 171 0.60 12.82 9.85
N LEU A 172 -0.71 12.85 9.64
CA LEU A 172 -1.21 12.99 8.28
C LEU A 172 -0.73 14.32 7.73
N ILE A 173 -0.28 14.33 6.49
CA ILE A 173 0.21 15.57 5.89
C ILE A 173 -0.23 15.61 4.44
N PHE A 174 -1.00 16.64 4.08
CA PHE A 174 -1.50 16.77 2.72
C PHE A 174 -1.74 18.24 2.41
N ARG A 175 -1.76 18.56 1.12
CA ARG A 175 -1.96 19.91 0.62
C ARG A 175 -3.21 19.96 -0.26
N MET A 176 -3.99 21.02 -0.08
CA MET A 176 -5.16 21.29 -0.90
C MET A 176 -4.79 22.18 -2.07
N LYS A 177 -5.52 22.00 -3.18
CA LYS A 177 -5.41 22.91 -4.31
C LYS A 177 -5.62 24.34 -3.84
N GLY A 178 -4.80 25.25 -4.35
CA GLY A 178 -4.88 26.64 -3.97
C GLY A 178 -4.00 27.03 -2.79
N ASP A 179 -3.64 26.09 -1.93
CA ASP A 179 -2.79 26.37 -0.79
C ASP A 179 -1.32 26.19 -1.14
N GLU A 180 -0.47 27.06 -0.58
CA GLU A 180 0.96 26.97 -0.84
C GLU A 180 1.64 25.90 0.02
N GLN A 181 1.07 25.61 1.20
CA GLN A 181 1.67 24.69 2.15
C GLN A 181 0.67 23.61 2.55
N PRO A 182 1.15 22.40 2.83
CA PRO A 182 0.24 21.36 3.33
C PRO A 182 -0.15 21.64 4.77
N VAL A 183 -1.21 20.99 5.20
CA VAL A 183 -1.57 20.97 6.61
C VAL A 183 -1.14 19.63 7.18
N TRP A 184 -1.07 19.55 8.51
CA TRP A 184 -0.77 18.27 9.15
C TRP A 184 -1.68 18.11 10.36
N TYR A 185 -1.99 16.85 10.66
CA TYR A 185 -2.88 16.49 11.76
C TYR A 185 -2.35 15.24 12.46
N GLU A 186 -2.13 15.36 13.77
CA GLU A 186 -1.75 14.22 14.60
C GLU A 186 -2.78 13.10 14.51
N LEU A 187 -2.31 11.86 14.41
CA LEU A 187 -3.21 10.71 14.34
C LEU A 187 -3.79 10.41 15.73
N PRO A 188 -5.11 10.24 15.85
CA PRO A 188 -5.68 9.78 17.13
C PRO A 188 -5.16 8.40 17.46
N ARG A 189 -4.49 8.28 18.61
CA ARG A 189 -3.84 7.01 18.94
C ARG A 189 -4.86 5.89 19.10
N SER A 190 -6.10 6.20 19.47
CA SER A 190 -7.15 5.20 19.57
C SER A 190 -7.48 4.54 18.22
N LEU A 191 -7.10 5.17 17.11
CA LEU A 191 -7.37 4.60 15.80
C LEU A 191 -6.25 3.70 15.30
N VAL A 192 -5.04 3.80 15.88
CA VAL A 192 -3.87 3.09 15.36
C VAL A 192 -3.64 1.86 16.23
N ILE A 193 -3.80 0.68 15.65
CA ILE A 193 -3.43 -0.56 16.33
C ILE A 193 -1.93 -0.77 16.13
N GLU A 194 -1.25 -1.19 17.20
CA GLU A 194 0.14 -1.59 17.12
C GLU A 194 0.29 -2.96 17.74
N VAL A 195 1.33 -3.67 17.31
CA VAL A 195 1.57 -5.05 17.73
C VAL A 195 2.96 -5.12 18.35
N PRO A 196 3.08 -5.46 19.63
CA PRO A 196 4.41 -5.71 20.19
C PRO A 196 4.92 -7.05 19.68
N ILE A 197 6.19 -7.10 19.34
CA ILE A 197 6.76 -8.32 18.76
C ILE A 197 7.32 -9.16 19.90
N THR A 198 6.71 -10.33 20.11
CA THR A 198 7.20 -11.37 21.00
C THR A 198 7.45 -12.64 20.18
N HIS A 199 8.18 -13.58 20.78
CA HIS A 199 8.49 -14.87 20.17
C HIS A 199 7.75 -15.99 20.88
N PRO A 200 7.26 -17.00 20.14
CA PRO A 200 6.44 -18.02 20.80
C PRO A 200 7.21 -18.83 21.83
N ASP A 201 8.52 -19.00 21.66
CA ASP A 201 9.32 -19.89 22.48
C ASP A 201 10.36 -19.17 23.32
N ILE A 202 10.81 -18.00 22.90
CA ILE A 202 12.02 -17.37 23.44
C ILE A 202 11.57 -16.13 24.19
N GLU A 203 11.46 -16.25 25.52
CA GLU A 203 10.90 -15.16 26.32
C GLU A 203 11.75 -13.90 26.23
N ALA A 204 13.06 -14.04 26.02
CA ALA A 204 13.95 -12.89 25.96
C ALA A 204 13.74 -12.01 24.73
N PHE A 205 12.94 -12.47 23.76
CA PHE A 205 12.71 -11.67 22.56
C PHE A 205 12.01 -10.36 22.87
N SER A 206 11.19 -10.33 23.93
CA SER A 206 10.56 -9.09 24.31
C SER A 206 11.57 -8.05 24.81
N ASP A 207 12.78 -8.47 25.19
CA ASP A 207 13.80 -7.50 25.60
C ASP A 207 14.18 -6.56 24.46
N LEU A 208 13.89 -6.95 23.22
CA LEU A 208 14.17 -6.08 22.08
C LEU A 208 13.20 -4.91 21.98
N GLU A 209 12.02 -5.02 22.61
CA GLU A 209 11.03 -3.95 22.63
C GLU A 209 10.63 -3.52 21.22
N LEU A 210 10.49 -4.50 20.31
CA LEU A 210 10.08 -4.22 18.94
C LEU A 210 8.56 -4.13 18.87
N LYS A 211 8.07 -3.33 17.92
CA LYS A 211 6.66 -3.30 17.58
C LYS A 211 6.50 -2.82 16.14
N TRP A 212 5.31 -3.02 15.58
CA TRP A 212 4.96 -2.49 14.27
C TRP A 212 3.49 -2.15 14.27
N TYR A 213 3.07 -1.38 13.27
CA TYR A 213 1.65 -1.04 13.18
C TYR A 213 0.88 -2.09 12.39
N GLY A 214 -0.43 -2.14 12.63
CA GLY A 214 -1.23 -3.24 12.14
C GLY A 214 -1.49 -3.17 10.65
N VAL A 215 -1.70 -1.98 10.11
CA VAL A 215 -2.29 -1.83 8.79
C VAL A 215 -1.38 -0.99 7.90
N PRO A 216 -0.81 -1.56 6.83
CA PRO A 216 -0.07 -0.72 5.87
C PRO A 216 -1.04 -0.09 4.87
N ILE A 217 -1.10 1.23 4.83
CA ILE A 217 -2.06 1.95 4.00
C ILE A 217 -1.25 2.83 3.05
N ILE A 218 -1.01 2.31 1.85
CA ILE A 218 -0.18 2.99 0.86
C ILE A 218 -0.94 4.20 0.35
N SER A 219 -0.33 5.39 0.48
CA SER A 219 -1.09 6.61 0.26
C SER A 219 -0.45 7.55 -0.75
N ASP A 220 0.53 7.09 -1.54
CA ASP A 220 1.24 7.99 -2.44
C ASP A 220 1.28 7.47 -3.87
N MET A 221 0.40 6.55 -4.24
CA MET A 221 0.36 6.04 -5.61
C MET A 221 -0.84 6.61 -6.36
N LYS A 222 -0.69 6.73 -7.67
CA LYS A 222 -1.75 7.23 -8.53
C LYS A 222 -2.55 6.07 -9.09
N LEU A 223 -3.86 6.09 -8.86
CA LEU A 223 -4.78 5.15 -9.50
C LEU A 223 -5.23 5.74 -10.82
N GLU A 224 -5.00 5.00 -11.91
CA GLU A 224 -5.37 5.45 -13.24
C GLU A 224 -6.45 4.53 -13.80
N VAL A 225 -7.63 5.09 -14.03
CA VAL A 225 -8.78 4.35 -14.52
C VAL A 225 -9.34 5.09 -15.74
N GLY A 226 -9.27 4.46 -16.90
CA GLY A 226 -9.82 5.02 -18.13
C GLY A 226 -9.40 6.43 -18.46
N GLY A 227 -8.12 6.75 -18.28
CA GLY A 227 -7.63 8.08 -18.58
C GLY A 227 -7.82 9.10 -17.47
N ILE A 228 -8.53 8.76 -16.41
CA ILE A 228 -8.70 9.63 -15.25
C ILE A 228 -7.62 9.29 -14.23
N HIS A 229 -6.90 10.32 -13.77
CA HIS A 229 -5.75 10.15 -12.88
C HIS A 229 -6.15 10.51 -11.46
N TYR A 230 -6.34 9.48 -10.62
CA TYR A 230 -6.65 9.66 -9.20
C TYR A 230 -5.35 9.61 -8.41
N ASN A 231 -4.67 10.76 -8.34
CA ASN A 231 -3.39 10.83 -7.67
C ASN A 231 -3.51 10.61 -6.17
N ALA A 232 -4.69 10.81 -5.60
CA ALA A 232 -4.92 10.68 -4.17
C ALA A 232 -5.95 9.57 -3.99
N ALA A 233 -5.47 8.37 -3.65
CA ALA A 233 -6.34 7.23 -3.54
C ALA A 233 -5.68 6.18 -2.65
N PRO A 234 -5.55 6.47 -1.35
CA PRO A 234 -4.86 5.53 -0.45
C PRO A 234 -5.61 4.20 -0.34
N PHE A 235 -4.84 3.12 -0.33
CA PHE A 235 -5.38 1.78 -0.23
C PHE A 235 -4.55 0.96 0.77
N ASN A 236 -5.13 -0.14 1.22
CA ASN A 236 -4.48 -1.05 2.15
C ASN A 236 -4.91 -2.48 1.86
N GLY A 237 -3.99 -3.40 2.14
CA GLY A 237 -4.36 -4.78 2.33
C GLY A 237 -3.99 -5.12 3.76
N TRP A 238 -3.52 -6.35 3.98
CA TRP A 238 -2.83 -6.70 5.20
C TRP A 238 -1.38 -7.02 4.87
N TYR A 239 -0.55 -7.01 5.90
CA TYR A 239 0.85 -7.32 5.69
C TYR A 239 1.04 -8.80 5.35
N MET A 240 1.99 -9.06 4.45
CA MET A 240 2.73 -10.32 4.45
C MET A 240 3.84 -10.20 5.48
N GLY A 241 4.03 -11.26 6.26
CA GLY A 241 4.91 -11.18 7.41
C GLY A 241 6.33 -10.75 7.06
N THR A 242 6.85 -11.26 5.94
CA THR A 242 8.21 -10.91 5.52
C THR A 242 8.42 -9.43 5.29
N GLU A 243 7.36 -8.67 5.04
CA GLU A 243 7.55 -7.22 4.86
C GLU A 243 8.04 -6.59 6.14
N ILE A 244 7.57 -7.10 7.28
CA ILE A 244 7.98 -6.57 8.57
C ILE A 244 9.24 -7.25 9.06
N GLY A 245 9.26 -8.60 8.98
CA GLY A 245 10.33 -9.36 9.58
C GLY A 245 11.61 -9.38 8.76
N ALA A 246 11.49 -9.30 7.43
CA ALA A 246 12.63 -9.43 6.54
C ALA A 246 13.12 -8.10 5.98
N ARG A 247 12.30 -7.04 6.06
CA ARG A 247 12.67 -5.76 5.44
C ARG A 247 12.60 -4.65 6.46
N ASN A 248 11.41 -4.29 6.96
CA ASN A 248 11.27 -3.14 7.84
C ASN A 248 12.16 -3.25 9.08
N LEU A 249 12.20 -4.42 9.70
CA LEU A 249 12.99 -4.56 10.93
C LEU A 249 14.40 -5.11 10.68
N ALA A 250 14.69 -5.59 9.47
CA ALA A 250 15.95 -6.29 9.22
C ALA A 250 16.93 -5.52 8.36
N ASP A 251 16.45 -4.75 7.38
CA ASP A 251 17.35 -3.99 6.53
C ASP A 251 18.29 -3.15 7.38
N GLU A 252 19.57 -3.16 7.02
CA GLU A 252 20.54 -2.27 7.63
C GLU A 252 20.09 -0.81 7.49
N LYS A 253 19.24 -0.57 6.51
CA LYS A 253 18.94 0.71 5.95
C LYS A 253 17.60 1.17 6.53
N ARG A 254 16.99 0.34 7.40
CA ARG A 254 15.75 0.51 8.15
C ARG A 254 16.10 0.31 9.61
N TYR A 255 15.40 -0.58 10.32
CA TYR A 255 15.68 -0.71 11.75
C TYR A 255 16.88 -1.59 12.09
N ASP A 256 17.35 -2.44 11.19
CA ASP A 256 18.68 -3.07 11.28
C ASP A 256 18.85 -3.89 12.57
N LYS A 257 17.90 -4.78 12.83
CA LYS A 257 17.83 -5.45 14.12
C LYS A 257 18.48 -6.83 14.15
N LEU A 258 18.98 -7.33 13.02
CA LEU A 258 19.32 -8.76 12.95
C LEU A 258 20.37 -9.12 13.99
N LYS A 259 21.34 -8.22 14.21
CA LYS A 259 22.42 -8.53 15.14
C LYS A 259 21.91 -8.58 16.57
N LYS A 260 20.95 -7.71 16.92
CA LYS A 260 20.28 -7.80 18.21
C LYS A 260 19.38 -9.04 18.30
N VAL A 261 18.72 -9.43 17.21
CA VAL A 261 17.93 -10.66 17.24
C VAL A 261 18.83 -11.86 17.53
N ALA A 262 19.99 -11.92 16.85
CA ALA A 262 20.93 -13.02 17.08
C ALA A 262 21.30 -13.16 18.55
N SER A 263 21.53 -12.04 19.23
CA SER A 263 21.96 -12.10 20.63
C SER A 263 20.88 -12.66 21.54
N VAL A 264 19.63 -12.22 21.38
CA VAL A 264 18.57 -12.67 22.28
C VAL A 264 18.13 -14.08 22.00
N ILE A 265 18.33 -14.59 20.77
CA ILE A 265 18.08 -16.01 20.53
C ILE A 265 19.31 -16.86 20.81
N GLY A 266 20.40 -16.26 21.28
CA GLY A 266 21.48 -17.05 21.83
C GLY A 266 22.42 -17.67 20.82
N ILE A 267 22.59 -17.07 19.65
CA ILE A 267 23.59 -17.54 18.69
C ILE A 267 24.62 -16.44 18.47
N ALA A 268 25.81 -16.87 18.08
CA ALA A 268 26.88 -15.95 17.74
C ALA A 268 26.63 -15.33 16.38
N ALA A 269 27.03 -14.06 16.23
CA ALA A 269 26.93 -13.32 14.97
C ALA A 269 28.32 -13.02 14.41
N ASP A 270 29.19 -14.02 14.37
CA ASP A 270 30.60 -13.86 14.05
C ASP A 270 30.98 -14.33 12.65
N TYR A 271 30.40 -15.42 12.16
CA TYR A 271 30.88 -16.08 10.95
C TYR A 271 29.77 -16.17 9.90
N ASN A 272 30.10 -15.81 8.65
CA ASN A 272 29.13 -15.97 7.58
C ASN A 272 28.68 -17.41 7.44
N THR A 273 29.60 -18.36 7.63
CA THR A 273 29.28 -19.77 7.43
C THR A 273 28.31 -20.31 8.47
N ASP A 274 28.12 -19.62 9.59
CA ASP A 274 27.13 -20.02 10.58
C ASP A 274 25.71 -19.69 10.17
N LEU A 275 25.54 -18.87 9.12
CA LEU A 275 24.21 -18.48 8.62
C LEU A 275 23.38 -17.86 9.73
N TRP A 276 24.06 -17.04 10.55
CA TRP A 276 23.39 -16.43 11.67
C TRP A 276 22.37 -15.40 11.20
N LYS A 277 22.67 -14.68 10.12
CA LYS A 277 21.67 -13.75 9.58
C LYS A 277 20.42 -14.50 9.15
N ASP A 278 20.62 -15.63 8.49
CA ASP A 278 19.53 -16.47 8.00
C ASP A 278 18.69 -16.99 9.16
N GLN A 279 19.35 -17.48 10.21
CA GLN A 279 18.65 -18.04 11.35
C GLN A 279 17.90 -16.95 12.11
N ALA A 280 18.55 -15.79 12.29
CA ALA A 280 17.87 -14.68 12.95
C ALA A 280 16.68 -14.19 12.14
N LEU A 281 16.82 -14.13 10.82
CA LEU A 281 15.70 -13.72 9.98
C LEU A 281 14.48 -14.62 10.18
N VAL A 282 14.71 -15.94 10.28
CA VAL A 282 13.59 -16.87 10.45
C VAL A 282 12.92 -16.67 11.80
N GLU A 283 13.70 -16.55 12.87
CA GLU A 283 13.10 -16.40 14.18
C GLU A 283 12.38 -15.05 14.30
N LEU A 284 12.95 -14.01 13.71
CA LEU A 284 12.26 -12.72 13.71
C LEU A 284 10.95 -12.80 12.94
N ASN A 285 10.98 -13.46 11.77
CA ASN A 285 9.78 -13.57 10.98
C ASN A 285 8.75 -14.47 11.64
N LYS A 286 9.20 -15.48 12.40
CA LYS A 286 8.28 -16.29 13.19
C LYS A 286 7.64 -15.44 14.29
N ALA A 287 8.43 -14.53 14.88
CA ALA A 287 7.90 -13.70 15.96
C ALA A 287 6.82 -12.76 15.43
N VAL A 288 7.04 -12.17 14.25
CA VAL A 288 6.06 -11.24 13.69
C VAL A 288 4.72 -11.94 13.47
N LEU A 289 4.75 -13.10 12.81
CA LEU A 289 3.51 -13.83 12.54
C LEU A 289 2.82 -14.24 13.83
N HIS A 290 3.60 -14.76 14.79
CA HIS A 290 3.05 -15.14 16.08
C HIS A 290 2.40 -13.93 16.77
N SER A 291 3.06 -12.77 16.71
CA SER A 291 2.57 -11.62 17.45
C SER A 291 1.29 -11.06 16.83
N TYR A 292 1.23 -10.98 15.50
CA TYR A 292 0.00 -10.50 14.88
C TYR A 292 -1.18 -11.43 15.17
N LYS A 293 -0.97 -12.75 14.98
CA LYS A 293 -2.00 -13.73 15.32
C LYS A 293 -2.47 -13.56 16.76
N LYS A 294 -1.53 -13.52 17.70
CA LYS A 294 -1.91 -13.50 19.12
C LYS A 294 -2.75 -12.27 19.45
N GLN A 295 -2.46 -11.12 18.81
CA GLN A 295 -3.26 -9.93 19.00
C GLN A 295 -4.55 -9.92 18.18
N GLY A 296 -4.73 -10.85 17.25
CA GLY A 296 -5.91 -10.80 16.41
C GLY A 296 -5.86 -9.79 15.29
N VAL A 297 -4.68 -9.49 14.76
CA VAL A 297 -4.52 -8.58 13.63
C VAL A 297 -4.15 -9.40 12.39
N SER A 298 -4.92 -9.21 11.31
CA SER A 298 -4.70 -9.95 10.08
C SER A 298 -3.26 -9.84 9.60
N ILE A 299 -2.72 -10.98 9.15
CA ILE A 299 -1.41 -11.04 8.52
C ILE A 299 -1.39 -12.34 7.72
N VAL A 300 -0.46 -12.44 6.78
CA VAL A 300 -0.31 -13.68 6.01
C VAL A 300 1.17 -14.02 5.91
N ASP A 301 1.48 -15.31 6.03
CA ASP A 301 2.85 -15.76 5.81
C ASP A 301 3.07 -15.94 4.32
N HIS A 302 4.34 -15.92 3.92
CA HIS A 302 4.66 -15.91 2.50
C HIS A 302 4.34 -17.26 1.83
N HIS A 303 4.27 -18.35 2.59
CA HIS A 303 3.86 -19.63 1.97
C HIS A 303 2.38 -19.63 1.65
N THR A 304 1.54 -19.27 2.63
CA THR A 304 0.10 -19.15 2.39
C THR A 304 -0.18 -18.13 1.30
N ALA A 305 0.54 -16.99 1.32
CA ALA A 305 0.35 -15.96 0.30
C ALA A 305 0.67 -16.49 -1.09
N ALA A 306 1.76 -17.26 -1.23
CA ALA A 306 2.14 -17.83 -2.52
C ALA A 306 1.12 -18.88 -2.99
N SER A 307 0.58 -19.70 -2.06
CA SER A 307 -0.51 -20.62 -2.41
C SER A 307 -1.73 -19.85 -2.91
N GLN A 308 -2.05 -18.72 -2.27
CA GLN A 308 -3.18 -17.91 -2.72
C GLN A 308 -2.93 -17.39 -4.12
N PHE A 309 -1.71 -16.95 -4.39
CA PHE A 309 -1.38 -16.39 -5.70
C PHE A 309 -1.42 -17.45 -6.78
N LYS A 310 -1.05 -18.69 -6.45
CA LYS A 310 -1.23 -19.78 -7.40
C LYS A 310 -2.70 -19.93 -7.79
N ARG A 311 -3.60 -19.82 -6.80
CA ARG A 311 -5.03 -19.82 -7.13
C ARG A 311 -5.41 -18.63 -7.98
N PHE A 312 -4.76 -17.48 -7.78
CA PHE A 312 -5.00 -16.33 -8.65
C PHE A 312 -4.58 -16.64 -10.08
N GLU A 313 -3.43 -17.30 -10.24
CA GLU A 313 -2.98 -17.73 -11.56
C GLU A 313 -4.00 -18.67 -12.20
N GLU A 314 -4.53 -19.61 -11.42
CA GLU A 314 -5.51 -20.55 -11.96
C GLU A 314 -6.84 -19.85 -12.26
N GLN A 315 -7.26 -18.95 -11.37
CA GLN A 315 -8.49 -18.18 -11.62
C GLN A 315 -8.35 -17.35 -12.89
N ALA A 316 -7.15 -16.85 -13.17
CA ALA A 316 -6.96 -16.02 -14.35
C ALA A 316 -7.18 -16.81 -15.63
N GLU A 317 -6.59 -18.00 -15.72
CA GLU A 317 -6.70 -18.75 -16.95
C GLU A 317 -8.12 -19.29 -17.15
N GLU A 318 -8.72 -19.85 -16.10
CA GLU A 318 -10.12 -20.28 -16.13
C GLU A 318 -11.05 -19.17 -16.62
N ALA A 319 -10.70 -17.92 -16.35
CA ALA A 319 -11.44 -16.75 -16.78
C ALA A 319 -11.03 -16.24 -18.16
N GLY A 320 -10.06 -16.87 -18.82
CA GLY A 320 -9.58 -16.39 -20.10
C GLY A 320 -8.77 -15.11 -20.06
N ARG A 321 -8.36 -14.64 -18.88
CA ARG A 321 -7.60 -13.40 -18.79
C ARG A 321 -6.10 -13.70 -18.79
N LYS A 322 -5.37 -12.94 -19.59
CA LYS A 322 -3.93 -13.00 -19.56
C LYS A 322 -3.41 -12.60 -18.17
N LEU A 323 -2.39 -13.32 -17.69
CA LEU A 323 -1.79 -13.03 -16.40
C LEU A 323 -0.52 -12.19 -16.60
N THR A 324 -0.37 -11.13 -15.83
CA THR A 324 0.87 -10.36 -15.80
C THR A 324 1.47 -10.34 -14.40
N GLY A 325 2.77 -10.23 -14.33
CA GLY A 325 3.44 -10.27 -13.05
C GLY A 325 4.90 -9.92 -13.16
N ASP A 326 5.44 -9.47 -12.03
CA ASP A 326 6.84 -9.08 -11.89
C ASP A 326 7.53 -10.11 -10.99
N TRP A 327 8.19 -11.08 -11.62
CA TRP A 327 8.90 -12.13 -10.88
C TRP A 327 9.78 -11.57 -9.78
N THR A 328 10.53 -10.49 -10.06
CA THR A 328 11.47 -9.97 -9.07
C THR A 328 10.78 -9.44 -7.82
N TRP A 329 9.50 -9.06 -7.89
CA TRP A 329 8.80 -8.61 -6.70
C TRP A 329 7.87 -9.66 -6.10
N LEU A 330 7.42 -10.64 -6.90
CA LEU A 330 6.49 -11.64 -6.39
C LEU A 330 7.18 -12.67 -5.51
N ILE A 331 8.44 -13.03 -5.81
CA ILE A 331 9.14 -13.95 -4.91
C ILE A 331 9.30 -13.31 -3.55
N PRO A 332 9.09 -14.05 -2.46
CA PRO A 332 9.30 -13.48 -1.13
C PRO A 332 10.78 -13.43 -0.79
N PRO A 333 11.17 -12.56 0.14
CA PRO A 333 12.60 -12.42 0.48
C PRO A 333 13.10 -13.45 1.48
N ILE A 334 12.24 -14.41 1.87
CA ILE A 334 12.61 -15.51 2.75
C ILE A 334 12.23 -16.80 2.03
N SER A 335 13.20 -17.71 1.86
CA SER A 335 13.02 -18.98 1.13
C SER A 335 12.26 -18.83 -0.18
N PRO A 336 12.65 -17.93 -1.09
CA PRO A 336 11.86 -17.76 -2.31
C PRO A 336 11.72 -19.03 -3.15
N ALA A 337 12.74 -19.89 -3.14
CA ALA A 337 12.71 -21.09 -3.95
C ALA A 337 11.82 -22.17 -3.36
N ALA A 338 11.30 -21.97 -2.15
CA ALA A 338 10.28 -22.84 -1.56
C ALA A 338 8.86 -22.50 -2.02
N THR A 339 8.70 -21.50 -2.89
CA THR A 339 7.41 -21.17 -3.47
C THR A 339 7.43 -21.51 -4.94
N HIS A 340 6.24 -21.76 -5.50
CA HIS A 340 6.11 -22.07 -6.93
C HIS A 340 6.48 -20.89 -7.81
N ILE A 341 6.24 -19.67 -7.32
CA ILE A 341 6.54 -18.45 -8.08
C ILE A 341 7.97 -18.48 -8.62
N PHE A 342 8.91 -18.88 -7.77
CA PHE A 342 10.33 -18.88 -8.15
C PHE A 342 10.59 -19.74 -9.38
N HIS A 343 9.79 -20.80 -9.57
CA HIS A 343 10.10 -21.80 -10.58
C HIS A 343 9.33 -21.59 -11.87
N ARG A 344 8.66 -20.46 -12.03
CA ARG A 344 8.03 -20.14 -13.31
C ARG A 344 8.38 -18.72 -13.70
N SER A 345 7.87 -18.31 -14.86
CA SER A 345 8.10 -16.99 -15.42
C SER A 345 6.78 -16.24 -15.53
N TYR A 346 6.87 -14.92 -15.65
CA TYR A 346 5.71 -14.06 -15.71
C TYR A 346 5.97 -12.93 -16.71
N ASP A 347 4.92 -12.56 -17.42
CA ASP A 347 4.96 -11.45 -18.35
C ASP A 347 4.73 -10.15 -17.57
N ASN A 348 5.75 -9.29 -17.54
CA ASN A 348 5.70 -8.04 -16.79
C ASN A 348 5.05 -6.90 -17.58
N SER A 349 4.12 -7.21 -18.47
CA SER A 349 3.48 -6.18 -19.27
C SER A 349 2.57 -5.29 -18.42
N ILE A 350 2.50 -4.02 -18.78
CA ILE A 350 1.72 -3.04 -18.03
C ILE A 350 0.33 -2.92 -18.65
N VAL A 351 -0.68 -3.25 -17.85
CA VAL A 351 -2.08 -3.20 -18.25
C VAL A 351 -2.78 -2.20 -17.36
N LYS A 352 -3.72 -1.45 -17.95
CA LYS A 352 -4.51 -0.46 -17.22
C LYS A 352 -5.96 -0.93 -17.11
N PRO A 353 -6.69 -0.55 -16.05
CA PRO A 353 -6.37 0.29 -14.88
C PRO A 353 -5.24 -0.25 -14.02
N ASN A 354 -4.51 0.64 -13.37
CA ASN A 354 -3.35 0.22 -12.58
C ASN A 354 -2.98 1.32 -11.61
N TYR A 355 -2.09 0.98 -10.69
CA TYR A 355 -1.50 1.91 -9.75
C TYR A 355 -0.07 2.22 -10.18
N PHE A 356 0.32 3.49 -10.08
CA PHE A 356 1.59 3.96 -10.61
C PHE A 356 2.28 4.86 -9.59
N TYR A 357 3.61 4.88 -9.66
CA TYR A 357 4.39 5.83 -8.89
C TYR A 357 4.13 7.25 -9.38
N GLN A 358 4.37 8.22 -8.49
CA GLN A 358 4.36 9.63 -8.87
C GLN A 358 5.39 10.34 -8.02
N ASP A 359 5.84 11.50 -8.52
CA ASP A 359 6.87 12.26 -7.84
C ASP A 359 6.42 12.69 -6.45
N LYS A 360 7.35 12.66 -5.50
CA LYS A 360 7.09 13.17 -4.17
C LYS A 360 7.02 14.70 -4.21
N PRO A 361 6.10 15.30 -3.45
CA PRO A 361 6.08 16.77 -3.32
C PRO A 361 7.19 17.33 -2.44
N TYR A 362 8.00 16.48 -1.84
CA TYR A 362 9.14 16.89 -1.02
C TYR A 362 10.36 16.12 -1.53
N GLU A 363 11.51 16.33 -0.89
CA GLU A 363 12.70 15.57 -1.28
C GLU A 363 13.47 15.08 -0.04
CHA HEM B . 2.82 -5.01 -3.76
CHB HEM B . 0.91 -8.23 -0.66
CHC HEM B . -3.40 -6.01 -1.11
CHD HEM B . -1.62 -3.28 -4.68
C1A HEM B . 2.64 -5.97 -2.80
C2A HEM B . 3.73 -6.61 -2.15
C3A HEM B . 3.20 -7.51 -1.28
C4A HEM B . 1.79 -7.43 -1.38
CMA HEM B . 3.98 -8.42 -0.36
CAA HEM B . 5.22 -6.40 -2.36
CBA HEM B . 5.95 -5.57 -1.29
CGA HEM B . 7.42 -6.00 -1.23
O1A HEM B . 8.14 -5.58 -0.30
O2A HEM B . 7.93 -6.76 -2.10
C1B HEM B . -0.42 -7.86 -0.52
C2B HEM B . -1.26 -8.48 0.46
C3B HEM B . -2.48 -7.89 0.36
C4B HEM B . -2.35 -6.86 -0.71
CMB HEM B . -0.88 -9.60 1.41
CAB HEM B . -3.66 -8.24 1.20
CBB HEM B . -4.93 -8.17 0.76
C1C HEM B . -3.31 -5.00 -2.06
C2C HEM B . -4.28 -4.04 -2.38
C3C HEM B . -3.78 -3.25 -3.42
C4C HEM B . -2.48 -3.75 -3.71
CMC HEM B . -5.63 -3.92 -1.68
CAC HEM B . -4.43 -2.09 -4.10
CBC HEM B . -5.74 -1.97 -4.30
C1D HEM B . -0.24 -3.55 -4.66
C2D HEM B . 0.68 -2.75 -5.48
C3D HEM B . 1.91 -3.22 -5.23
C4D HEM B . 1.74 -4.29 -4.24
CMD HEM B . 0.29 -1.62 -6.42
CAD HEM B . 3.22 -2.71 -5.84
CBD HEM B . 3.63 -1.33 -5.27
CGD HEM B . 5.02 -0.94 -5.73
O1D HEM B . 5.80 -0.35 -4.96
O2D HEM B . 5.41 -1.20 -6.89
NA HEM B . 1.44 -6.49 -2.33
NB HEM B . -1.08 -6.91 -1.18
NC HEM B . -2.25 -4.81 -2.89
ND HEM B . 0.44 -4.45 -3.92
FE HEM B . -0.37 -5.73 -2.78
C02 V54 C . 11.07 -6.53 -3.93
C03 V54 C . 11.92 -6.84 -5.01
C04 V54 C . 12.85 -5.89 -5.41
C05 V54 C . 12.92 -4.63 -4.75
C06 V54 C . 12.02 -4.41 -3.70
C07 V54 C . 12.01 -3.16 -2.93
C09 V54 C . 11.01 -2.40 -0.79
C10 V54 C . 9.80 -1.60 -1.21
C11 V54 C . 9.97 -0.32 -1.73
C12 V54 C . 8.84 0.43 -2.11
C13 V54 C . 7.55 -0.08 -1.98
C14 V54 C . 7.37 -1.38 -1.45
C16 V54 C . 4.96 -1.15 -1.74
C17 V54 C . 3.61 -1.80 -1.40
C18 V54 C . 2.40 -1.42 -2.05
C19 V54 C . 1.19 -2.02 -1.72
C20 V54 C . 1.11 -3.05 -0.73
C21 V54 C . -0.11 -3.68 -0.37
C22 V54 C . -0.10 -4.64 0.60
C23 V54 C . 1.15 -5.00 1.21
C26 V54 C . 2.29 -3.45 -0.09
C27 V54 C . 3.53 -2.80 -0.45
C28 V54 C . 8.51 -2.12 -1.08
N01 V54 C . 10.14 -7.47 -3.50
N08 V54 C . 11.32 -3.49 -1.68
N24 V54 C . 1.15 -5.97 2.19
N25 V54 C . 2.32 -4.43 0.88
N29 V54 C . 11.11 -5.32 -3.27
O15 V54 C . 6.11 -1.90 -1.32
CL CL D . 5.79 -1.39 5.05
C1 GOL E . 4.17 0.10 -9.60
O1 GOL E . 4.41 -1.30 -9.56
C2 GOL E . 4.60 0.66 -10.95
O2 GOL E . 3.53 0.45 -11.89
C3 GOL E . 4.87 2.14 -10.70
O3 GOL E . 4.99 2.93 -11.89
C1 GOL F . 1.10 5.53 -18.36
O1 GOL F . 1.39 4.20 -17.93
C2 GOL F . 0.87 6.43 -17.16
O2 GOL F . 2.11 6.64 -16.48
C3 GOL F . 0.32 7.77 -17.65
O3 GOL F . 0.25 8.70 -16.56
C1 GOL G . -7.23 -13.81 6.21
O1 GOL G . -8.03 -14.65 7.03
C2 GOL G . -5.86 -13.69 6.87
O2 GOL G . -4.86 -13.25 5.95
C3 GOL G . -5.98 -12.69 8.01
O3 GOL G . -4.92 -12.99 8.93
C1 PEG H . 14.76 -17.67 -14.64
O1 PEG H . 15.61 -18.38 -15.55
C2 PEG H . 14.84 -16.17 -14.92
O2 PEG H . 13.60 -15.57 -14.57
C3 PEG H . 13.53 -14.24 -15.07
C4 PEG H . 12.28 -13.60 -14.50
O4 PEG H . 11.26 -14.59 -14.66
O POL I . 15.80 7.19 21.32
C1 POL I . 14.56 6.73 21.85
C2 POL I . 14.65 5.23 22.07
C3 POL I . 13.27 4.63 22.32
#